data_3BBY
#
_entry.id   3BBY
#
_cell.length_a   69.960
_cell.length_b   69.960
_cell.length_c   92.020
_cell.angle_alpha   90.000
_cell.angle_beta   90.000
_cell.angle_gamma   120.000
#
_symmetry.space_group_name_H-M   'P 32 2 1'
#
loop_
_entity.id
_entity.type
_entity.pdbx_description
1 polymer 'Uncharacterized GST-like protein yfcF'
2 non-polymer 'CALCIUM ION'
3 non-polymer 'ACETATE ION'
4 non-polymer 2-ETHOXYETHANOL
5 water water
#
_entity_poly.entity_id   1
_entity_poly.type   'polypeptide(L)'
_entity_poly.pdbx_seq_one_letter_code
;G(MSE)SKPAITLWSDAHFFSPYVLSAWVALQEKGLSFHIKTIDLDSGEHLQPTWQGYGQTRRVPLLQIDDFELSESSAI
AEYLEDRFAPPTWERIYPLDLENRARARQIQAWLRSDL(MSE)PIREERPTDVVFAGAKKAPLTAEGKASAEKLFA
(MSE)AEHLLVLGQPNLFGEWCIADTDLAL(MSE)INRLVLHGDEVPERLVDYATFQWQRASVQRFIALSAKQSG
;
_entity_poly.pdbx_strand_id   A
#
loop_
_chem_comp.id
_chem_comp.type
_chem_comp.name
_chem_comp.formula
ACT non-polymer 'ACETATE ION' 'C2 H3 O2 -1'
CA non-polymer 'CALCIUM ION' 'Ca 2'
ETX non-polymer 2-ETHOXYETHANOL 'C4 H10 O2'
#
# COMPACT_ATOMS: atom_id res chain seq x y z
N LYS A 4 -7.60 15.05 -21.56
CA LYS A 4 -6.94 14.92 -20.21
C LYS A 4 -7.80 15.51 -19.11
N PRO A 5 -8.35 14.66 -18.22
CA PRO A 5 -8.99 15.23 -17.02
C PRO A 5 -7.95 15.82 -16.05
N ALA A 6 -8.36 16.82 -15.29
CA ALA A 6 -7.55 17.39 -14.24
C ALA A 6 -7.60 16.45 -13.05
N ILE A 7 -6.44 15.93 -12.62
CA ILE A 7 -6.38 15.06 -11.45
C ILE A 7 -5.49 15.64 -10.37
N THR A 8 -6.02 15.70 -9.15
CA THR A 8 -5.25 16.06 -7.97
C THR A 8 -5.35 14.97 -6.92
N LEU A 9 -4.22 14.61 -6.36
CA LEU A 9 -4.17 13.72 -5.17
C LEU A 9 -3.68 14.57 -4.00
N TRP A 10 -4.43 14.55 -2.90
CA TRP A 10 -4.06 15.22 -1.66
C TRP A 10 -3.36 14.25 -0.71
N SER A 11 -2.19 14.66 -0.22
CA SER A 11 -1.34 13.87 0.69
C SER A 11 -1.16 14.60 2.00
N ASP A 12 -0.73 13.88 3.04
CA ASP A 12 -0.17 14.50 4.24
C ASP A 12 1.13 15.22 3.86
N ALA A 13 1.48 16.23 4.65
CA ALA A 13 2.63 17.08 4.36
C ALA A 13 3.95 16.33 4.33
N HIS A 14 4.04 15.23 5.08
CA HIS A 14 5.27 14.45 5.15
C HIS A 14 5.40 13.38 4.07
N PHE A 15 4.32 13.12 3.33
CA PHE A 15 4.27 11.98 2.40
C PHE A 15 4.56 10.67 3.14
N PHE A 16 4.00 10.54 4.33
CA PHE A 16 4.08 9.30 5.10
C PHE A 16 2.84 8.40 5.11
N SER A 17 1.68 8.90 4.72
CA SER A 17 0.49 8.07 4.78
C SER A 17 0.57 6.84 3.91
N PRO A 18 0.28 5.68 4.50
CA PRO A 18 0.33 4.48 3.69
C PRO A 18 -0.88 4.41 2.75
N TYR A 19 -1.93 5.16 3.08
CA TYR A 19 -3.12 5.21 2.23
C TYR A 19 -2.90 6.16 1.07
N VAL A 20 -2.16 7.23 1.31
CA VAL A 20 -1.76 8.12 0.21
C VAL A 20 -0.82 7.33 -0.70
N LEU A 21 0.10 6.56 -0.11
CA LEU A 21 0.96 5.69 -0.93
C LEU A 21 0.11 4.80 -1.85
N SER A 22 -0.92 4.19 -1.26
CA SER A 22 -1.75 3.23 -2.01
C SER A 22 -2.44 3.91 -3.22
N ALA A 23 -2.98 5.11 -2.99
CA ALA A 23 -3.65 5.86 -4.04
C ALA A 23 -2.62 6.37 -5.11
N TRP A 24 -1.47 6.80 -4.63
CA TRP A 24 -0.36 7.18 -5.51
C TRP A 24 0.00 6.04 -6.45
N VAL A 25 0.21 4.86 -5.89
CA VAL A 25 0.56 3.67 -6.68
C VAL A 25 -0.56 3.36 -7.69
N ALA A 26 -1.82 3.41 -7.26
CA ALA A 26 -2.93 3.18 -8.22
C ALA A 26 -2.83 4.15 -9.40
N LEU A 27 -2.65 5.44 -9.11
CA LEU A 27 -2.52 6.47 -10.18
C LEU A 27 -1.31 6.23 -11.12
N GLN A 28 -0.15 5.96 -10.51
CA GLN A 28 1.08 5.75 -11.25
C GLN A 28 1.00 4.50 -12.09
N GLU A 29 0.40 3.44 -11.57
CA GLU A 29 0.37 2.17 -12.27
C GLU A 29 -0.66 2.20 -13.40
N LYS A 30 -1.66 3.09 -13.30
CA LYS A 30 -2.55 3.40 -14.43
C LYS A 30 -1.88 4.27 -15.49
N GLY A 31 -0.77 4.91 -15.11
CA GLY A 31 -0.06 5.82 -15.97
C GLY A 31 -0.80 7.12 -16.14
N LEU A 32 -1.54 7.54 -15.11
CA LEU A 32 -2.31 8.78 -15.19
C LEU A 32 -1.49 9.99 -14.79
N SER A 33 -1.77 11.09 -15.46
CA SER A 33 -1.14 12.35 -15.18
C SER A 33 -1.90 13.05 -14.06
N PHE A 34 -1.19 13.50 -13.02
CA PHE A 34 -1.81 14.14 -11.89
C PHE A 34 -0.82 15.05 -11.12
N HIS A 35 -1.38 15.92 -10.30
CA HIS A 35 -0.63 16.74 -9.37
C HIS A 35 -0.86 16.23 -7.97
N ILE A 36 0.19 16.23 -7.16
CA ILE A 36 0.06 15.90 -5.75
C ILE A 36 0.15 17.21 -4.97
N LYS A 37 -0.74 17.39 -3.98
CA LYS A 37 -0.75 18.59 -3.16
C LYS A 37 -0.81 18.15 -1.71
N THR A 38 -0.31 18.97 -0.80
CA THR A 38 -0.28 18.54 0.58
C THR A 38 -1.19 19.37 1.47
N ILE A 39 -1.62 18.73 2.54
CA ILE A 39 -2.29 19.42 3.62
C ILE A 39 -1.42 19.25 4.86
N ASP A 40 -1.33 20.30 5.68
CA ASP A 40 -0.46 20.29 6.87
C ASP A 40 -0.90 19.31 7.97
N ARG A 59 -8.55 12.48 6.57
CA ARG A 59 -9.02 13.24 5.41
C ARG A 59 -8.12 13.07 4.17
N VAL A 60 -7.00 12.37 4.31
CA VAL A 60 -6.11 12.07 3.18
C VAL A 60 -5.95 10.55 3.05
N PRO A 61 -5.81 10.03 1.81
CA PRO A 61 -5.83 10.73 0.54
C PRO A 61 -7.23 11.23 0.13
N LEU A 62 -7.24 12.30 -0.68
CA LEU A 62 -8.45 12.73 -1.39
C LEU A 62 -8.10 12.82 -2.87
N LEU A 63 -8.89 12.16 -3.72
CA LEU A 63 -8.71 12.23 -5.15
C LEU A 63 -9.67 13.28 -5.71
N GLN A 64 -9.18 14.19 -6.54
CA GLN A 64 -10.08 15.05 -7.32
C GLN A 64 -9.82 14.81 -8.79
N ILE A 65 -10.88 14.52 -9.53
CA ILE A 65 -10.82 14.35 -10.98
CA ILE A 65 -10.81 14.33 -10.94
C ILE A 65 -11.93 15.18 -11.54
N ASP A 66 -11.54 16.27 -12.21
CA ASP A 66 -12.48 17.28 -12.66
C ASP A 66 -13.39 17.70 -11.50
N ASP A 67 -14.70 17.49 -11.58
CA ASP A 67 -15.60 17.98 -10.53
CA ASP A 67 -15.62 17.98 -10.54
C ASP A 67 -16.05 16.87 -9.57
N PHE A 68 -15.38 15.72 -9.63
CA PHE A 68 -15.67 14.58 -8.76
C PHE A 68 -14.58 14.46 -7.70
N GLU A 69 -14.99 14.18 -6.48
CA GLU A 69 -14.10 13.93 -5.36
C GLU A 69 -14.34 12.57 -4.75
N LEU A 70 -13.28 11.95 -4.25
CA LEU A 70 -13.37 10.60 -3.71
C LEU A 70 -12.31 10.34 -2.67
N SER A 71 -12.72 9.72 -1.56
CA SER A 71 -11.82 9.39 -0.48
CA SER A 71 -11.81 9.40 -0.49
C SER A 71 -11.83 7.89 -0.22
N GLU A 72 -10.94 7.44 0.66
CA GLU A 72 -10.70 6.01 0.98
C GLU A 72 -9.87 5.38 -0.12
N SER A 73 -8.65 4.99 0.24
CA SER A 73 -7.63 4.62 -0.73
C SER A 73 -7.98 3.40 -1.58
N SER A 74 -8.66 2.39 -1.03
CA SER A 74 -9.07 1.24 -1.85
C SER A 74 -10.24 1.65 -2.78
N ALA A 75 -11.18 2.48 -2.32
CA ALA A 75 -12.25 2.99 -3.21
C ALA A 75 -11.66 3.81 -4.36
N ILE A 76 -10.60 4.56 -4.08
CA ILE A 76 -9.93 5.32 -5.13
C ILE A 76 -9.33 4.36 -6.18
N ALA A 77 -8.62 3.32 -5.77
CA ALA A 77 -8.03 2.38 -6.72
C ALA A 77 -9.11 1.70 -7.56
N GLU A 78 -10.17 1.28 -6.88
CA GLU A 78 -11.31 0.63 -7.54
C GLU A 78 -11.96 1.52 -8.59
N TYR A 79 -12.13 2.79 -8.27
CA TYR A 79 -12.68 3.77 -9.23
C TYR A 79 -11.77 3.91 -10.44
N LEU A 80 -10.46 3.98 -10.20
CA LEU A 80 -9.52 4.15 -11.30
C LEU A 80 -9.58 2.93 -12.20
N GLU A 81 -9.69 1.74 -11.62
CA GLU A 81 -9.80 0.52 -12.41
C GLU A 81 -11.10 0.44 -13.19
N ASP A 82 -12.19 0.90 -12.57
CA ASP A 82 -13.48 0.93 -13.29
C ASP A 82 -13.50 1.95 -14.41
N ARG A 83 -13.05 3.17 -14.11
CA ARG A 83 -13.13 4.26 -15.07
C ARG A 83 -12.07 4.20 -16.17
N PHE A 84 -10.84 3.90 -15.79
CA PHE A 84 -9.74 3.78 -16.75
C PHE A 84 -9.51 2.29 -16.93
N ALA A 85 -10.47 1.65 -17.59
CA ALA A 85 -10.61 0.22 -17.60
C ALA A 85 -9.54 -0.48 -18.41
N PRO A 86 -9.03 -1.62 -17.91
CA PRO A 86 -8.27 -2.50 -18.77
C PRO A 86 -9.16 -3.00 -19.91
N PRO A 87 -8.59 -3.37 -21.06
CA PRO A 87 -7.15 -3.38 -21.43
C PRO A 87 -6.58 -2.06 -21.95
N THR A 88 -7.40 -1.01 -22.10
CA THR A 88 -6.91 0.27 -22.57
C THR A 88 -5.86 0.87 -21.64
N TRP A 89 -6.17 0.87 -20.34
CA TRP A 89 -5.19 1.26 -19.34
C TRP A 89 -4.73 0.02 -18.60
N GLU A 90 -3.52 0.12 -18.04
CA GLU A 90 -2.94 -0.99 -17.32
C GLU A 90 -3.81 -1.41 -16.13
N ARG A 91 -3.75 -2.70 -15.83
CA ARG A 91 -4.62 -3.35 -14.87
C ARG A 91 -3.96 -3.29 -13.49
N ILE A 92 -4.72 -2.93 -12.44
CA ILE A 92 -4.21 -2.90 -11.05
C ILE A 92 -4.90 -3.88 -10.10
N TYR A 93 -5.99 -4.48 -10.56
CA TYR A 93 -6.66 -5.63 -9.92
C TYR A 93 -6.56 -6.89 -10.79
N PRO A 94 -6.45 -8.06 -10.16
CA PRO A 94 -6.40 -9.30 -10.93
C PRO A 94 -7.61 -9.52 -11.82
N LEU A 95 -7.38 -10.13 -12.97
CA LEU A 95 -8.47 -10.47 -13.91
C LEU A 95 -9.35 -11.60 -13.39
N ASP A 96 -8.73 -12.64 -12.85
CA ASP A 96 -9.46 -13.77 -12.32
C ASP A 96 -10.31 -13.36 -11.13
N LEU A 97 -11.55 -13.83 -11.06
CA LEU A 97 -12.47 -13.23 -10.06
C LEU A 97 -12.13 -13.64 -8.64
N GLU A 98 -11.58 -14.83 -8.50
CA GLU A 98 -11.20 -15.32 -7.17
C GLU A 98 -9.90 -14.64 -6.69
N ASN A 99 -8.95 -14.43 -7.60
CA ASN A 99 -7.76 -13.65 -7.27
C ASN A 99 -8.15 -12.21 -6.93
N ARG A 100 -9.10 -11.67 -7.69
CA ARG A 100 -9.58 -10.32 -7.46
C ARG A 100 -10.21 -10.22 -6.09
N ALA A 101 -10.97 -11.23 -5.72
CA ALA A 101 -11.64 -11.26 -4.41
C ALA A 101 -10.63 -11.31 -3.27
N ARG A 102 -9.59 -12.12 -3.44
CA ARG A 102 -8.52 -12.22 -2.46
C ARG A 102 -7.73 -10.90 -2.36
N ALA A 103 -7.49 -10.22 -3.49
CA ALA A 103 -6.88 -8.89 -3.44
C ALA A 103 -7.69 -7.93 -2.56
N ARG A 104 -9.02 -7.93 -2.74
CA ARG A 104 -9.90 -7.04 -1.99
C ARG A 104 -9.92 -7.47 -0.54
N GLN A 105 -9.89 -8.77 -0.32
CA GLN A 105 -9.85 -9.30 1.06
C GLN A 105 -8.60 -8.79 1.77
N ILE A 106 -7.48 -8.87 1.08
CA ILE A 106 -6.24 -8.39 1.65
C ILE A 106 -6.27 -6.89 1.95
N GLN A 107 -6.72 -6.07 0.99
CA GLN A 107 -6.83 -4.65 1.23
C GLN A 107 -7.71 -4.33 2.44
N ALA A 108 -8.85 -5.01 2.52
CA ALA A 108 -9.82 -4.76 3.59
C ALA A 108 -9.28 -5.22 4.94
N TRP A 109 -8.62 -6.35 4.96
CA TRP A 109 -8.05 -6.89 6.19
C TRP A 109 -7.00 -5.97 6.77
N LEU A 110 -6.08 -5.50 5.92
CA LEU A 110 -4.99 -4.62 6.36
C LEU A 110 -5.48 -3.31 6.93
N ARG A 111 -6.66 -2.85 6.49
CA ARG A 111 -7.24 -1.60 6.92
C ARG A 111 -8.13 -1.73 8.16
N SER A 112 -8.47 -2.96 8.51
CA SER A 112 -9.41 -3.26 9.60
CA SER A 112 -9.38 -3.18 9.64
C SER A 112 -8.76 -4.05 10.73
N ASP A 113 -7.57 -4.58 10.52
CA ASP A 113 -6.96 -5.43 11.51
C ASP A 113 -5.53 -4.96 11.75
N LEU A 114 -4.81 -5.70 12.61
CA LEU A 114 -3.41 -5.43 12.90
C LEU A 114 -3.16 -4.05 13.46
N MSE A 115 -4.11 -3.52 14.25
CA MSE A 115 -3.98 -2.17 14.80
C MSE A 115 -2.70 -1.98 15.63
O MSE A 115 -2.07 -0.92 15.58
CB MSE A 115 -5.19 -1.79 15.66
CG MSE A 115 -5.14 -0.36 16.17
SE MSE A 115 -5.16 0.99 14.73
CE MSE A 115 -7.04 0.74 14.24
N PRO A 116 -2.32 -2.98 16.42
CA PRO A 116 -1.08 -2.85 17.18
C PRO A 116 0.17 -2.60 16.34
N ILE A 117 0.31 -3.29 15.19
CA ILE A 117 1.45 -3.04 14.28
C ILE A 117 1.35 -1.62 13.77
N ARG A 118 0.16 -1.23 13.36
CA ARG A 118 -0.06 0.11 12.85
C ARG A 118 0.25 1.21 13.86
N GLU A 119 -0.13 0.98 15.11
CA GLU A 119 0.16 1.94 16.20
C GLU A 119 1.61 1.91 16.71
N GLU A 120 2.19 0.71 16.81
CA GLU A 120 3.53 0.55 17.38
C GLU A 120 4.64 0.73 16.35
N ARG A 121 4.28 0.52 15.08
CA ARG A 121 5.18 0.72 13.95
C ARG A 121 4.53 1.64 12.91
N PRO A 122 4.36 2.93 13.25
CA PRO A 122 3.80 3.90 12.29
C PRO A 122 4.76 4.17 11.13
N THR A 123 4.25 4.79 10.04
CA THR A 123 4.99 4.75 8.77
C THR A 123 6.19 5.70 8.73
N ASP A 124 6.39 6.51 9.76
CA ASP A 124 7.69 7.16 9.88
C ASP A 124 8.85 6.14 10.02
N VAL A 125 8.55 4.92 10.46
CA VAL A 125 9.55 3.86 10.49
CA VAL A 125 9.58 3.89 10.49
C VAL A 125 9.92 3.45 9.07
N VAL A 126 8.92 3.53 8.19
CA VAL A 126 9.07 3.12 6.80
C VAL A 126 9.75 4.19 5.96
N PHE A 127 9.28 5.41 6.11
CA PHE A 127 9.71 6.50 5.23
C PHE A 127 10.77 7.41 5.82
N ALA A 128 11.04 7.30 7.11
CA ALA A 128 12.02 8.23 7.72
C ALA A 128 12.98 7.53 8.70
N GLY A 129 13.01 6.20 8.68
CA GLY A 129 13.92 5.44 9.55
C GLY A 129 13.76 5.69 11.04
N ALA A 130 12.54 6.07 11.45
CA ALA A 130 12.27 6.35 12.86
C ALA A 130 12.36 5.08 13.66
N LYS A 131 12.90 5.20 14.88
CA LYS A 131 12.95 4.07 15.77
CA LYS A 131 13.00 4.08 15.82
C LYS A 131 11.97 4.24 16.91
N LYS A 132 11.28 3.15 17.24
CA LYS A 132 10.22 3.12 18.22
C LYS A 132 10.59 2.09 19.30
N ALA A 133 9.64 1.69 20.13
CA ALA A 133 9.88 0.85 21.31
C ALA A 133 9.80 -0.62 20.94
N PRO A 134 10.38 -1.50 21.76
CA PRO A 134 10.11 -2.92 21.51
C PRO A 134 8.61 -3.21 21.45
N LEU A 135 8.24 -4.22 20.68
CA LEU A 135 6.83 -4.57 20.54
C LEU A 135 6.25 -4.95 21.89
N THR A 136 4.99 -4.59 22.10
CA THR A 136 4.25 -5.02 23.30
C THR A 136 3.88 -6.48 23.09
N ALA A 137 3.26 -7.09 24.08
CA ALA A 137 2.75 -8.45 23.92
C ALA A 137 1.70 -8.48 22.82
N GLU A 138 0.83 -7.47 22.80
CA GLU A 138 -0.20 -7.31 21.75
C GLU A 138 0.46 -7.13 20.37
N GLY A 139 1.52 -6.33 20.31
CA GLY A 139 2.28 -6.13 19.07
C GLY A 139 2.92 -7.37 18.50
N LYS A 140 3.50 -8.20 19.37
CA LYS A 140 4.12 -9.44 18.93
C LYS A 140 3.09 -10.43 18.40
N ALA A 141 1.93 -10.49 19.06
CA ALA A 141 0.86 -11.42 18.66
C ALA A 141 0.32 -11.00 17.30
N SER A 142 0.19 -9.69 17.13
CA SER A 142 -0.25 -9.12 15.87
C SER A 142 0.74 -9.39 14.73
N ALA A 143 2.03 -9.20 15.02
CA ALA A 143 3.09 -9.53 14.07
C ALA A 143 3.06 -11.00 13.67
N GLU A 144 2.84 -11.92 14.63
CA GLU A 144 2.77 -13.36 14.31
C GLU A 144 1.55 -13.68 13.46
N LYS A 145 0.46 -12.97 13.67
CA LYS A 145 -0.73 -13.17 12.85
C LYS A 145 -0.44 -12.73 11.40
N LEU A 146 0.19 -11.57 11.26
CA LEU A 146 0.60 -11.07 9.95
C LEU A 146 1.46 -12.10 9.26
N PHE A 147 2.46 -12.63 9.96
CA PHE A 147 3.41 -13.54 9.37
C PHE A 147 2.69 -14.82 8.92
N ALA A 148 1.80 -15.35 9.76
CA ALA A 148 1.08 -16.58 9.42
C ALA A 148 0.21 -16.39 8.17
N MSE A 149 -0.53 -15.30 8.13
CA MSE A 149 -1.39 -15.00 6.98
C MSE A 149 -0.58 -14.80 5.70
O MSE A 149 -0.92 -15.34 4.64
CB MSE A 149 -2.22 -13.74 7.23
CG MSE A 149 -3.23 -13.43 6.10
SE MSE A 149 -4.40 -15.00 5.76
CE MSE A 149 -4.68 -15.48 7.75
N ALA A 150 0.47 -13.98 5.79
CA ALA A 150 1.29 -13.66 4.62
C ALA A 150 1.98 -14.89 4.08
N GLU A 151 2.54 -15.72 4.95
CA GLU A 151 3.21 -16.95 4.51
C GLU A 151 2.23 -17.88 3.79
N HIS A 152 1.00 -17.90 4.28
CA HIS A 152 -0.05 -18.64 3.61
C HIS A 152 -0.36 -18.06 2.24
N LEU A 153 -0.58 -16.76 2.18
CA LEU A 153 -0.84 -16.08 0.91
C LEU A 153 0.27 -16.32 -0.10
N LEU A 154 1.51 -16.35 0.36
CA LEU A 154 2.67 -16.44 -0.53
C LEU A 154 3.31 -17.83 -0.49
N VAL A 155 2.50 -18.86 -0.23
CA VAL A 155 3.03 -20.21 0.03
C VAL A 155 3.78 -20.80 -1.19
N LEU A 156 3.44 -20.34 -2.39
CA LEU A 156 4.17 -20.75 -3.60
C LEU A 156 5.52 -20.04 -3.75
N GLY A 157 5.80 -19.06 -2.91
CA GLY A 157 7.05 -18.33 -3.01
C GLY A 157 7.08 -17.42 -4.22
N GLN A 158 5.91 -17.08 -4.74
CA GLN A 158 5.79 -16.21 -5.90
CA GLN A 158 5.84 -16.21 -5.91
C GLN A 158 6.15 -14.76 -5.51
N PRO A 159 6.89 -14.02 -6.38
CA PRO A 159 7.17 -12.61 -6.06
C PRO A 159 5.97 -11.70 -5.87
N ASN A 160 4.93 -11.91 -6.68
CA ASN A 160 3.65 -11.21 -6.49
C ASN A 160 2.54 -12.19 -6.10
N LEU A 161 1.67 -11.77 -5.21
CA LEU A 161 0.59 -12.59 -4.69
C LEU A 161 -0.06 -13.46 -5.73
N PHE A 162 -0.51 -12.88 -6.84
CA PHE A 162 -1.30 -13.64 -7.81
C PHE A 162 -0.60 -13.77 -9.14
N GLY A 163 0.71 -13.88 -9.10
CA GLY A 163 1.51 -13.93 -10.31
C GLY A 163 1.96 -12.58 -10.79
N GLU A 164 1.06 -11.90 -11.53
CA GLU A 164 1.26 -10.51 -11.91
C GLU A 164 0.95 -9.63 -10.70
N TRP A 165 1.70 -8.53 -10.59
CA TRP A 165 1.51 -7.55 -9.54
C TRP A 165 0.09 -7.00 -9.53
N CYS A 166 -0.43 -6.72 -8.33
CA CYS A 166 -1.66 -5.95 -8.21
C CYS A 166 -1.55 -5.04 -6.99
N ILE A 167 -2.51 -4.12 -6.84
CA ILE A 167 -2.42 -3.11 -5.78
C ILE A 167 -2.28 -3.76 -4.37
N ALA A 168 -2.86 -4.92 -4.16
CA ALA A 168 -2.78 -5.56 -2.82
C ALA A 168 -1.34 -5.93 -2.42
N ASP A 169 -0.46 -6.14 -3.40
CA ASP A 169 0.96 -6.46 -3.13
C ASP A 169 1.61 -5.29 -2.44
N THR A 170 1.30 -4.10 -2.94
CA THR A 170 1.90 -2.92 -2.38
C THR A 170 1.43 -2.68 -0.95
N ASP A 171 0.13 -2.82 -0.72
CA ASP A 171 -0.40 -2.60 0.61
C ASP A 171 0.18 -3.64 1.60
N LEU A 172 0.26 -4.88 1.17
CA LEU A 172 0.76 -5.95 2.05
C LEU A 172 2.25 -5.75 2.38
N ALA A 173 3.02 -5.35 1.37
CA ALA A 173 4.43 -5.08 1.56
C ALA A 173 4.66 -3.90 2.51
N LEU A 174 3.82 -2.86 2.41
CA LEU A 174 3.91 -1.73 3.33
C LEU A 174 3.76 -2.26 4.78
N MSE A 175 2.72 -3.05 5.03
CA MSE A 175 2.46 -3.56 6.39
C MSE A 175 3.66 -4.37 6.91
O MSE A 175 4.08 -4.18 8.05
CB MSE A 175 1.21 -4.41 6.42
CG MSE A 175 0.85 -4.98 7.80
SE MSE A 175 0.29 -3.61 9.02
CE MSE A 175 -1.54 -3.27 8.33
N ILE A 176 4.19 -5.26 6.07
CA ILE A 176 5.35 -6.09 6.45
C ILE A 176 6.59 -5.18 6.68
N ASN A 177 6.73 -4.15 5.86
CA ASN A 177 7.87 -3.25 5.98
C ASN A 177 7.88 -2.35 7.21
N ARG A 178 6.73 -2.17 7.85
CA ARG A 178 6.67 -1.52 9.17
C ARG A 178 7.57 -2.25 10.17
N LEU A 179 7.67 -3.56 9.99
CA LEU A 179 8.54 -4.41 10.81
C LEU A 179 9.93 -4.57 10.19
N VAL A 180 9.99 -4.94 8.91
CA VAL A 180 11.27 -5.17 8.25
C VAL A 180 12.17 -3.93 8.34
N LEU A 181 11.62 -2.78 8.00
CA LEU A 181 12.44 -1.58 7.97
C LEU A 181 12.74 -1.02 9.36
N HIS A 182 12.00 -1.45 10.37
CA HIS A 182 12.33 -1.10 11.74
C HIS A 182 13.50 -1.93 12.31
N GLY A 183 13.75 -3.09 11.71
CA GLY A 183 14.71 -4.05 12.23
C GLY A 183 14.14 -5.20 13.03
N ASP A 184 12.81 -5.32 13.12
CA ASP A 184 12.20 -6.41 13.85
C ASP A 184 12.44 -7.72 13.13
N GLU A 185 12.42 -8.82 13.86
CA GLU A 185 12.69 -10.10 13.24
C GLU A 185 11.47 -10.54 12.42
N VAL A 186 11.72 -10.90 11.17
CA VAL A 186 10.66 -11.20 10.19
C VAL A 186 11.14 -12.39 9.40
N PRO A 187 10.27 -13.39 9.15
CA PRO A 187 10.69 -14.55 8.35
C PRO A 187 11.31 -14.11 7.02
N GLU A 188 12.39 -14.79 6.64
CA GLU A 188 13.19 -14.43 5.47
C GLU A 188 12.38 -14.30 4.16
N ARG A 189 11.41 -15.16 3.95
CA ARG A 189 10.63 -15.13 2.70
C ARG A 189 9.77 -13.88 2.62
N LEU A 190 9.30 -13.41 3.77
CA LEU A 190 8.53 -12.16 3.84
C LEU A 190 9.42 -10.93 3.69
N VAL A 191 10.63 -11.01 4.24
CA VAL A 191 11.62 -9.96 4.01
C VAL A 191 11.89 -9.78 2.52
N ASP A 192 12.12 -10.91 1.86
CA ASP A 192 12.38 -10.96 0.44
C ASP A 192 11.21 -10.42 -0.39
N TYR A 193 10.00 -10.91 -0.11
CA TYR A 193 8.77 -10.36 -0.68
C TYR A 193 8.65 -8.83 -0.52
N ALA A 194 8.72 -8.35 0.73
CA ALA A 194 8.46 -6.94 1.02
C ALA A 194 9.54 -6.06 0.42
N THR A 195 10.78 -6.56 0.40
CA THR A 195 11.89 -5.80 -0.16
C THR A 195 11.75 -5.72 -1.66
N PHE A 196 11.38 -6.82 -2.31
CA PHE A 196 11.14 -6.78 -3.76
C PHE A 196 10.02 -5.81 -4.12
N GLN A 197 8.93 -5.88 -3.37
CA GLN A 197 7.81 -4.98 -3.62
C GLN A 197 8.19 -3.51 -3.45
N TRP A 198 9.13 -3.23 -2.55
CA TRP A 198 9.54 -1.88 -2.28
C TRP A 198 10.39 -1.29 -3.42
N GLN A 199 10.91 -2.16 -4.28
CA GLN A 199 11.66 -1.73 -5.46
C GLN A 199 10.77 -1.34 -6.62
N ARG A 200 9.47 -1.57 -6.48
CA ARG A 200 8.51 -1.16 -7.50
C ARG A 200 8.68 0.32 -7.84
N ALA A 201 8.77 0.64 -9.13
CA ALA A 201 9.07 2.02 -9.54
C ALA A 201 8.10 3.04 -8.95
N SER A 202 6.82 2.70 -8.96
CA SER A 202 5.80 3.61 -8.44
C SER A 202 6.05 3.91 -6.96
N VAL A 203 6.47 2.90 -6.22
CA VAL A 203 6.71 3.05 -4.80
C VAL A 203 7.96 3.91 -4.58
N GLN A 204 9.00 3.61 -5.35
CA GLN A 204 10.24 4.38 -5.29
C GLN A 204 10.00 5.86 -5.59
N ARG A 205 9.08 6.15 -6.52
CA ARG A 205 8.71 7.52 -6.83
C ARG A 205 8.02 8.20 -5.66
N PHE A 206 7.22 7.47 -4.89
CA PHE A 206 6.59 8.05 -3.69
C PHE A 206 7.65 8.29 -2.63
N ILE A 207 8.51 7.30 -2.43
CA ILE A 207 9.57 7.40 -1.43
C ILE A 207 10.40 8.66 -1.68
N ALA A 208 10.68 8.95 -2.94
CA ALA A 208 11.51 10.11 -3.31
C ALA A 208 10.93 11.43 -2.79
N LEU A 209 9.60 11.50 -2.65
CA LEU A 209 8.95 12.72 -2.17
C LEU A 209 9.43 13.12 -0.79
N SER A 210 9.68 12.14 0.07
CA SER A 210 10.09 12.40 1.45
C SER A 210 11.58 12.20 1.67
N ALA A 211 12.27 11.60 0.72
CA ALA A 211 13.71 11.45 0.82
C ALA A 211 14.34 12.84 0.79
N LYS A 212 13.75 13.71 -0.03
CA LYS A 212 14.08 15.13 -0.01
C LYS A 212 12.98 15.91 -0.73
CA CA B . -10.51 -18.65 -10.62
CA CA C . 0.91 -4.14 -16.89
C ACT D . -9.32 18.86 -9.71
O ACT D . -10.23 18.06 -10.01
OXT ACT D . -8.14 18.41 -9.80
CH3 ACT D . -9.64 20.24 -9.25
C2 ETX E . -9.36 19.32 0.06
O2 ETX E . -8.25 19.32 0.98
C3 ETX E . -7.79 18.01 1.34
C4 ETX E . -8.84 17.23 2.11
O1 ETX E . -10.15 20.63 -1.88
C1 ETX E . -9.53 20.69 -0.59
C2 ETX F . -16.27 13.33 -1.00
O2 ETX F . -17.25 12.59 -0.28
C3 ETX F . -18.57 13.13 -0.39
C4 ETX F . -19.36 12.58 0.76
O1 ETX F . -14.60 12.70 0.58
C1 ETX F . -14.95 12.63 -0.81
#